data_4HZO
#
_entry.id   4HZO
#
_cell.length_a   60.487
_cell.length_b   60.487
_cell.length_c   310.964
_cell.angle_alpha   90.00
_cell.angle_beta   90.00
_cell.angle_gamma   120.00
#
_symmetry.space_group_name_H-M   'P 61 2 2'
#
loop_
_entity.id
_entity.type
_entity.pdbx_description
1 polymer 'Bifunctional methylmalonyl-CoA:ACP acyltransferase/decarboxylase'
2 non-polymer 'CHLORIDE ION'
3 non-polymer 'COENZYME A'
4 water water
#
_entity_poly.entity_id   1
_entity_poly.type   'polypeptide(L)'
_entity_poly.pdbx_seq_one_letter_code
;SITSSLDVRPEIKQAVTVRPGMCGPGSLFVGQLGDWTWETVSAQCDTDVFAARDASGNPTYLAFYYFRVRGGRELHPGSL
TFGDRLTVTSGCYDQGTESVLTLHRIDRAGSDDAQRPLDLHEFYERPRDGSLYVENFNRWVTRSAPGSNEDLVKSSPPGF
RNDGLPQLPAAYSPRAVYREARTAHTFRALDEPGFRLLPDTVEVEHPVDIVRDVNGVGLLYFASYFSMVDKAALALWRRL
GRSDRAFLRRVVVDQQMCYLGNADLDSVLTLGARVRVSTETPGEELVDVVISDRDSGRVIAVSTLHTQHDAHDPKGEA
;
_entity_poly.pdbx_strand_id   A
#
loop_
_chem_comp.id
_chem_comp.type
_chem_comp.name
_chem_comp.formula
CL non-polymer 'CHLORIDE ION' 'Cl -1'
COA non-polymer 'COENZYME A' 'C21 H36 N7 O16 P3 S'
#
# COMPACT_ATOMS: atom_id res chain seq x y z
CA ARG A 9 22.72 -4.58 -8.46
C ARG A 9 22.63 -3.70 -7.20
N PRO A 10 23.06 -2.42 -7.30
CA PRO A 10 23.13 -1.61 -6.04
C PRO A 10 21.76 -1.00 -5.65
N GLU A 11 21.59 -0.74 -4.34
CA GLU A 11 20.42 0.03 -3.85
C GLU A 11 20.40 1.40 -4.47
N ILE A 12 19.23 2.01 -4.55
CA ILE A 12 19.10 3.32 -5.17
C ILE A 12 18.85 4.34 -4.09
N LYS A 13 19.83 5.26 -3.89
CA LYS A 13 19.67 6.42 -2.99
C LYS A 13 19.24 7.65 -3.76
N GLN A 14 18.24 8.37 -3.27
CA GLN A 14 17.98 9.69 -3.86
C GLN A 14 17.70 10.71 -2.81
N ALA A 15 18.00 11.97 -3.15
CA ALA A 15 17.69 13.10 -2.27
C ALA A 15 16.36 13.63 -2.83
N VAL A 16 15.36 13.78 -1.98
CA VAL A 16 14.00 14.15 -2.45
C VAL A 16 13.52 15.35 -1.70
N THR A 17 13.13 16.38 -2.45
CA THR A 17 12.46 17.51 -1.84
C THR A 17 10.95 17.30 -1.97
N VAL A 18 10.25 17.39 -0.86
CA VAL A 18 8.85 17.02 -0.94
C VAL A 18 8.09 18.00 -1.87
N ARG A 19 7.31 17.46 -2.81
CA ARG A 19 6.58 18.30 -3.76
C ARG A 19 5.04 18.29 -3.45
N PRO A 20 4.28 19.31 -3.90
CA PRO A 20 2.81 19.18 -3.70
C PRO A 20 2.25 17.91 -4.27
N GLY A 21 2.81 17.42 -5.38
CA GLY A 21 2.29 16.12 -5.93
C GLY A 21 2.58 14.82 -5.22
N MET A 22 3.19 14.86 -4.01
CA MET A 22 3.47 13.62 -3.29
C MET A 22 3.18 13.82 -1.77
N CYS A 23 2.37 14.80 -1.37
CA CYS A 23 1.98 14.81 0.05
C CYS A 23 0.55 15.26 0.31
N GLY A 24 0.19 15.44 1.58
CA GLY A 24 -1.17 15.83 1.88
C GLY A 24 -2.05 14.70 2.36
N PRO A 25 -3.28 15.03 2.76
CA PRO A 25 -4.16 13.99 3.35
C PRO A 25 -4.79 13.04 2.29
N GLY A 26 -4.47 13.24 1.01
CA GLY A 26 -4.93 12.29 -0.05
C GLY A 26 -4.01 11.08 -0.25
N SER A 27 -4.01 10.53 -1.48
CA SER A 27 -3.27 9.34 -1.79
C SER A 27 -2.02 9.69 -2.65
N LEU A 28 -1.64 10.94 -2.70
CA LEU A 28 -0.52 11.38 -3.61
C LEU A 28 0.83 10.78 -3.14
N PHE A 29 1.04 10.75 -1.83
CA PHE A 29 2.29 10.11 -1.33
C PHE A 29 2.39 8.64 -1.71
N VAL A 30 1.29 7.86 -1.61
CA VAL A 30 1.30 6.46 -1.91
C VAL A 30 1.53 6.35 -3.46
N GLY A 31 1.06 7.38 -4.17
CA GLY A 31 1.15 7.31 -5.68
C GLY A 31 2.64 7.46 -6.03
N GLN A 32 3.28 8.34 -5.27
CA GLN A 32 4.76 8.57 -5.47
C GLN A 32 5.53 7.31 -5.16
N LEU A 33 5.22 6.70 -4.02
CA LEU A 33 5.77 5.40 -3.65
C LEU A 33 5.64 4.35 -4.69
N GLY A 34 4.50 4.27 -5.39
CA GLY A 34 4.42 3.19 -6.31
C GLY A 34 5.27 3.47 -7.58
N ASP A 35 5.34 4.71 -7.96
CA ASP A 35 6.14 5.13 -9.17
C ASP A 35 7.62 4.84 -8.77
N TRP A 36 8.05 5.10 -7.53
CA TRP A 36 9.44 4.69 -7.21
C TRP A 36 9.70 3.17 -7.24
N THR A 37 8.69 2.35 -6.91
CA THR A 37 8.79 0.94 -6.99
C THR A 37 8.99 0.57 -8.49
N TRP A 38 8.17 1.12 -9.35
CA TRP A 38 8.26 0.72 -10.77
C TRP A 38 9.68 1.16 -11.30
N GLU A 39 10.14 2.34 -10.92
CA GLU A 39 11.56 2.80 -11.30
C GLU A 39 12.64 1.91 -10.73
N THR A 40 12.46 1.44 -9.49
CA THR A 40 13.48 0.63 -8.81
C THR A 40 13.59 -0.78 -9.38
N VAL A 41 12.43 -1.41 -9.63
CA VAL A 41 12.39 -2.71 -10.28
C VAL A 41 13.01 -2.57 -11.70
N SER A 42 12.75 -1.47 -12.41
CA SER A 42 13.22 -1.27 -13.82
C SER A 42 14.75 -1.28 -13.79
N ALA A 43 15.27 -0.66 -12.76
CA ALA A 43 16.72 -0.46 -12.67
C ALA A 43 17.43 -1.76 -12.26
N GLN A 44 16.78 -2.59 -11.44
CA GLN A 44 17.43 -3.77 -10.84
C GLN A 44 17.10 -5.11 -11.51
N CYS A 45 16.08 -5.15 -12.36
CA CYS A 45 15.61 -6.40 -12.95
C CYS A 45 15.68 -6.32 -14.47
N ASP A 46 16.39 -5.29 -14.98
CA ASP A 46 16.70 -5.12 -16.41
C ASP A 46 15.50 -5.14 -17.32
N THR A 47 14.41 -4.50 -16.88
CA THR A 47 13.15 -4.59 -17.58
C THR A 47 12.55 -3.20 -17.58
N ASP A 48 11.99 -2.78 -18.70
CA ASP A 48 11.35 -1.49 -18.69
C ASP A 48 9.93 -1.74 -18.13
N VAL A 49 9.79 -1.59 -16.83
CA VAL A 49 8.47 -1.87 -16.23
C VAL A 49 7.34 -1.09 -16.81
N PHE A 50 7.56 0.19 -17.15
CA PHE A 50 6.57 1.11 -17.66
C PHE A 50 5.96 0.63 -18.95
N ALA A 51 6.79 0.05 -19.84
CA ALA A 51 6.29 -0.41 -21.16
C ALA A 51 6.30 -1.94 -21.35
N ALA A 52 6.29 -2.67 -20.24
CA ALA A 52 6.40 -4.14 -20.25
C ALA A 52 5.32 -4.86 -21.04
N ARG A 53 5.76 -5.83 -21.83
CA ARG A 53 4.84 -6.64 -22.64
C ARG A 53 5.24 -8.10 -22.51
N ASP A 54 4.31 -9.01 -22.65
CA ASP A 54 4.67 -10.43 -22.71
C ASP A 54 4.93 -10.83 -24.19
N ALA A 55 5.36 -12.07 -24.46
CA ALA A 55 5.79 -12.48 -25.84
C ALA A 55 4.72 -12.24 -26.88
N SER A 56 3.45 -12.50 -26.53
CA SER A 56 2.34 -12.25 -27.45
C SER A 56 2.36 -10.80 -27.91
N GLY A 57 2.96 -9.89 -27.13
CA GLY A 57 2.71 -8.44 -27.31
C GLY A 57 1.63 -7.93 -26.35
N ASN A 58 1.23 -8.72 -25.38
CA ASN A 58 0.21 -8.21 -24.48
C ASN A 58 0.90 -7.32 -23.41
N PRO A 59 0.27 -6.19 -23.07
CA PRO A 59 0.86 -5.35 -22.04
C PRO A 59 0.77 -6.11 -20.75
N THR A 60 1.82 -6.06 -19.94
CA THR A 60 1.75 -6.73 -18.65
C THR A 60 2.11 -5.70 -17.60
N TYR A 61 1.36 -5.69 -16.47
CA TYR A 61 1.45 -4.63 -15.52
C TYR A 61 1.99 -5.17 -14.20
N LEU A 62 2.88 -4.43 -13.58
CA LEU A 62 3.47 -4.89 -12.35
C LEU A 62 2.52 -4.39 -11.21
N ALA A 63 1.48 -5.19 -11.02
CA ALA A 63 0.31 -4.82 -10.20
C ALA A 63 0.70 -4.82 -8.72
N PHE A 64 0.17 -3.85 -8.02
CA PHE A 64 0.28 -3.77 -6.46
C PHE A 64 -0.54 -4.86 -5.84
N TYR A 65 0.02 -5.63 -4.91
CA TYR A 65 -0.66 -6.76 -4.32
C TYR A 65 -0.70 -6.59 -2.75
N TYR A 66 0.47 -6.35 -2.20
CA TYR A 66 0.57 -6.07 -0.78
C TYR A 66 1.37 -4.79 -0.59
N PHE A 67 0.90 -3.91 0.30
CA PHE A 67 1.48 -2.54 0.38
C PHE A 67 1.52 -2.16 1.82
N ARG A 68 2.71 -1.93 2.36
CA ARG A 68 2.76 -1.47 3.77
C ARG A 68 3.46 -0.12 3.91
N VAL A 69 2.95 0.78 4.77
CA VAL A 69 3.60 2.02 5.06
C VAL A 69 3.68 2.08 6.57
N ARG A 70 4.89 2.08 7.13
CA ARG A 70 4.95 2.10 8.62
C ARG A 70 5.86 3.24 9.04
N GLY A 71 5.36 4.09 9.91
CA GLY A 71 6.24 5.14 10.43
C GLY A 71 6.01 5.12 11.93
N GLY A 72 5.57 6.25 12.45
CA GLY A 72 5.51 6.51 13.89
C GLY A 72 5.41 8.03 14.09
N ARG A 73 5.06 8.40 15.32
CA ARG A 73 5.01 9.79 15.75
C ARG A 73 6.10 10.73 15.24
N GLU A 74 7.35 10.31 15.23
CA GLU A 74 8.35 11.25 14.74
CA GLU A 74 8.50 11.11 14.72
C GLU A 74 8.47 11.42 13.22
N LEU A 75 8.01 10.45 12.42
CA LEU A 75 7.88 10.67 10.96
C LEU A 75 6.76 9.78 10.45
N HIS A 76 5.69 10.38 9.93
CA HIS A 76 4.65 9.60 9.31
C HIS A 76 4.27 10.33 8.06
N PRO A 77 3.35 9.76 7.24
CA PRO A 77 3.09 10.47 5.95
C PRO A 77 2.53 11.86 6.16
N GLY A 78 1.71 12.03 7.20
CA GLY A 78 1.12 13.33 7.51
C GLY A 78 2.10 14.34 8.05
N SER A 79 3.34 13.94 8.38
CA SER A 79 4.42 14.84 8.79
C SER A 79 5.04 15.57 7.58
N LEU A 80 4.84 15.07 6.36
CA LEU A 80 5.55 15.68 5.23
C LEU A 80 4.87 16.95 4.78
N THR A 81 5.63 18.03 4.73
CA THR A 81 5.13 19.30 4.11
C THR A 81 6.00 19.73 2.93
N PHE A 82 5.54 20.73 2.16
CA PHE A 82 6.23 21.17 0.95
C PHE A 82 7.64 21.58 1.34
N GLY A 83 8.62 21.14 0.57
CA GLY A 83 9.97 21.67 0.80
C GLY A 83 10.78 20.82 1.78
N ASP A 84 10.15 19.88 2.48
CA ASP A 84 10.91 18.92 3.35
C ASP A 84 11.99 18.18 2.57
N ARG A 85 13.21 18.13 3.14
CA ARG A 85 14.27 17.37 2.52
C ARG A 85 14.34 15.96 3.09
N LEU A 86 14.30 14.99 2.19
CA LEU A 86 14.29 13.57 2.55
C LEU A 86 15.41 12.81 1.90
N THR A 87 15.74 11.65 2.48
CA THR A 87 16.60 10.71 1.80
C THR A 87 15.81 9.42 1.61
N VAL A 88 15.87 8.90 0.39
CA VAL A 88 15.14 7.72 0.04
C VAL A 88 16.07 6.64 -0.39
N THR A 89 15.96 5.50 0.28
CA THR A 89 16.71 4.32 -0.12
C THR A 89 15.80 3.15 -0.52
N SER A 90 16.12 2.58 -1.67
CA SER A 90 15.25 1.59 -2.36
C SER A 90 15.98 0.38 -2.92
N GLY A 91 15.33 -0.78 -2.85
CA GLY A 91 15.88 -1.95 -3.55
C GLY A 91 14.92 -3.10 -3.55
N CYS A 92 15.08 -3.96 -4.54
CA CYS A 92 14.28 -5.19 -4.70
C CYS A 92 14.89 -6.45 -4.08
N TYR A 93 14.02 -7.37 -3.75
CA TYR A 93 14.32 -8.71 -3.24
C TYR A 93 13.65 -9.75 -4.07
N ASP A 94 14.35 -10.88 -4.23
CA ASP A 94 13.87 -11.96 -5.08
C ASP A 94 12.62 -12.63 -4.51
N GLN A 95 11.53 -12.70 -5.29
CA GLN A 95 10.37 -13.47 -4.96
C GLN A 95 9.99 -14.35 -6.18
N GLY A 96 10.99 -14.66 -7.02
CA GLY A 96 10.85 -15.58 -8.16
C GLY A 96 10.61 -14.83 -9.45
N THR A 97 10.04 -15.50 -10.44
CA THR A 97 9.90 -14.87 -11.73
C THR A 97 8.56 -14.11 -11.94
N GLU A 98 7.58 -14.32 -11.10
CA GLU A 98 6.30 -13.66 -11.38
C GLU A 98 5.96 -12.50 -10.45
N SER A 99 6.84 -12.19 -9.50
CA SER A 99 6.53 -11.31 -8.40
C SER A 99 7.86 -10.70 -7.96
N VAL A 100 7.79 -9.59 -7.24
CA VAL A 100 9.02 -8.96 -6.71
C VAL A 100 8.64 -8.15 -5.47
N LEU A 101 9.53 -8.10 -4.49
CA LEU A 101 9.37 -7.27 -3.31
C LEU A 101 10.27 -6.05 -3.44
N THR A 102 9.69 -4.88 -3.27
CA THR A 102 10.43 -3.60 -3.28
C THR A 102 10.32 -2.92 -1.95
N LEU A 103 11.49 -2.60 -1.41
CA LEU A 103 11.49 -1.84 -0.17
C LEU A 103 11.95 -0.39 -0.37
N HIS A 104 11.38 0.53 0.40
CA HIS A 104 11.83 1.95 0.43
C HIS A 104 11.95 2.38 1.86
N ARG A 105 13.10 2.92 2.20
CA ARG A 105 13.18 3.62 3.48
C ARG A 105 13.34 5.10 3.21
N ILE A 106 12.59 5.87 3.94
CA ILE A 106 12.62 7.32 3.88
C ILE A 106 13.03 7.88 5.26
N ASP A 107 14.06 8.73 5.22
CA ASP A 107 14.61 9.48 6.39
C ASP A 107 14.60 11.00 6.08
N ARG A 108 14.53 11.84 7.11
CA ARG A 108 14.82 13.27 6.93
C ARG A 108 16.32 13.38 6.52
N ALA A 109 16.61 14.21 5.53
CA ALA A 109 17.96 14.36 4.97
C ALA A 109 19.00 14.70 6.05
N GLY A 110 18.61 15.46 7.05
CA GLY A 110 19.57 15.79 8.14
C GLY A 110 20.09 14.60 8.96
N SER A 111 19.19 13.62 9.20
CA SER A 111 19.22 12.70 10.35
C SER A 111 20.45 11.78 10.43
N ASP A 112 20.70 11.36 11.66
CA ASP A 112 21.76 10.38 12.01
C ASP A 112 21.66 9.08 11.20
N ASP A 113 22.72 8.70 10.49
CA ASP A 113 22.73 7.34 9.96
C ASP A 113 21.70 7.18 8.77
N ALA A 114 21.35 8.28 8.09
CA ALA A 114 20.44 8.27 6.92
C ALA A 114 21.08 7.60 5.74
N GLN A 115 22.42 7.56 5.75
CA GLN A 115 23.16 6.92 4.66
C GLN A 115 23.17 5.39 4.73
N ARG A 116 22.72 4.81 5.85
CA ARG A 116 22.75 3.35 6.03
C ARG A 116 22.01 2.55 4.92
N PRO A 117 22.49 1.34 4.62
CA PRO A 117 21.83 0.58 3.53
C PRO A 117 20.54 -0.06 4.04
N LEU A 118 19.74 -0.59 3.12
CA LEU A 118 18.58 -1.30 3.57
C LEU A 118 19.02 -2.47 4.51
N ASP A 119 18.16 -2.76 5.46
CA ASP A 119 18.41 -3.80 6.46
C ASP A 119 17.12 -4.52 6.79
N LEU A 120 17.01 -5.78 6.33
CA LEU A 120 15.75 -6.53 6.45
C LEU A 120 15.38 -6.61 7.89
N HIS A 121 16.39 -6.78 8.75
CA HIS A 121 16.05 -6.91 10.17
C HIS A 121 15.33 -5.66 10.75
N GLU A 122 15.91 -4.50 10.44
CA GLU A 122 15.28 -3.18 10.73
C GLU A 122 13.84 -3.08 10.21
N PHE A 123 13.65 -3.36 8.91
CA PHE A 123 12.29 -3.34 8.32
C PHE A 123 11.33 -4.24 8.98
N TYR A 124 11.73 -5.48 9.30
CA TYR A 124 10.75 -6.49 9.65
C TYR A 124 10.64 -6.74 11.17
N GLU A 125 11.70 -6.42 11.90
CA GLU A 125 11.72 -6.69 13.37
C GLU A 125 12.11 -5.49 14.25
N ARG A 126 13.02 -4.64 13.81
CA ARG A 126 13.36 -3.43 14.57
C ARG A 126 13.17 -2.05 13.88
N PRO A 127 11.91 -1.69 13.54
CA PRO A 127 11.67 -0.37 12.90
C PRO A 127 11.98 0.77 13.87
N ARG A 128 12.71 1.76 13.40
CA ARG A 128 13.15 2.89 14.22
C ARG A 128 12.16 4.03 14.12
N ASP A 129 11.96 4.73 15.23
CA ASP A 129 11.18 5.95 15.10
C ASP A 129 11.97 7.02 14.32
N GLY A 130 11.23 7.76 13.49
CA GLY A 130 11.86 8.75 12.69
C GLY A 130 12.21 8.29 11.30
N SER A 131 11.99 7.01 11.03
CA SER A 131 12.12 6.50 9.66
C SER A 131 10.76 5.98 9.21
N LEU A 132 10.59 6.02 7.90
CA LEU A 132 9.34 5.54 7.24
C LEU A 132 9.71 4.35 6.42
N TYR A 133 9.00 3.22 6.61
CA TYR A 133 9.39 1.99 5.96
C TYR A 133 8.26 1.64 5.01
N VAL A 134 8.63 1.40 3.77
CA VAL A 134 7.62 1.06 2.71
C VAL A 134 7.87 -0.30 2.17
N GLU A 135 6.85 -1.19 2.15
CA GLU A 135 7.01 -2.49 1.52
C GLU A 135 5.97 -2.60 0.39
N ASN A 136 6.46 -2.87 -0.82
CA ASN A 136 5.55 -3.08 -1.99
C ASN A 136 5.80 -4.47 -2.55
N PHE A 137 4.83 -5.37 -2.42
CA PHE A 137 4.94 -6.65 -3.03
C PHE A 137 4.06 -6.63 -4.29
N ASN A 138 4.66 -6.90 -5.43
CA ASN A 138 3.95 -6.67 -6.72
C ASN A 138 3.99 -7.96 -7.57
N ARG A 139 2.98 -8.16 -8.43
CA ARG A 139 2.88 -9.39 -9.21
C ARG A 139 2.56 -8.97 -10.64
N TRP A 140 3.25 -9.55 -11.62
CA TRP A 140 2.94 -9.26 -13.04
C TRP A 140 1.59 -9.85 -13.42
N VAL A 141 0.75 -9.06 -14.02
CA VAL A 141 -0.54 -9.61 -14.52
C VAL A 141 -0.84 -9.08 -15.90
N THR A 142 -1.79 -9.77 -16.58
CA THR A 142 -2.36 -9.28 -17.84
CA THR A 142 -2.33 -9.30 -17.82
C THR A 142 -3.88 -9.42 -17.73
N ARG A 143 -4.59 -8.62 -18.52
CA ARG A 143 -6.04 -8.87 -18.74
C ARG A 143 -6.33 -10.27 -19.37
N SER A 144 -7.40 -10.92 -18.93
CA SER A 144 -7.78 -12.22 -19.52
C SER A 144 -8.69 -11.99 -20.68
N ALA A 145 -9.28 -10.80 -20.77
CA ALA A 145 -10.11 -10.40 -21.92
C ALA A 145 -9.98 -8.88 -22.08
N PRO A 146 -9.78 -8.39 -23.32
CA PRO A 146 -9.81 -6.93 -23.59
C PRO A 146 -10.97 -6.21 -22.86
N GLY A 147 -10.69 -5.08 -22.22
CA GLY A 147 -11.76 -4.37 -21.54
C GLY A 147 -12.36 -4.95 -20.26
N SER A 148 -12.01 -6.20 -19.89
CA SER A 148 -12.38 -6.74 -18.59
C SER A 148 -11.32 -6.38 -17.55
N ASN A 149 -11.76 -6.02 -16.34
CA ASN A 149 -10.85 -5.87 -15.17
C ASN A 149 -10.91 -7.01 -14.17
N GLU A 150 -11.72 -8.03 -14.46
CA GLU A 150 -11.80 -9.21 -13.62
C GLU A 150 -10.93 -10.32 -14.14
N ASP A 151 -10.60 -11.27 -13.25
CA ASP A 151 -9.90 -12.52 -13.68
C ASP A 151 -8.56 -12.19 -14.40
N LEU A 152 -7.80 -11.26 -13.79
CA LEU A 152 -6.43 -10.95 -14.28
C LEU A 152 -5.61 -12.23 -14.25
N VAL A 153 -4.64 -12.36 -15.15
CA VAL A 153 -3.86 -13.58 -15.24
C VAL A 153 -2.40 -13.33 -14.91
N LYS A 154 -1.73 -14.30 -14.29
CA LYS A 154 -0.33 -14.17 -13.93
C LYS A 154 0.54 -14.13 -15.20
N SER A 155 1.61 -13.32 -15.13
CA SER A 155 2.51 -13.01 -16.25
CA SER A 155 2.56 -13.24 -16.23
C SER A 155 3.95 -12.90 -15.74
N SER A 156 4.87 -12.64 -16.68
CA SER A 156 6.24 -12.35 -16.37
C SER A 156 6.68 -11.84 -17.74
N PRO A 157 7.11 -10.57 -17.84
CA PRO A 157 7.63 -10.21 -19.18
C PRO A 157 8.95 -10.90 -19.53
N PRO A 158 9.10 -11.27 -20.82
CA PRO A 158 10.35 -11.97 -21.16
C PRO A 158 11.52 -11.12 -20.71
N GLY A 159 12.54 -11.73 -20.14
CA GLY A 159 13.75 -10.98 -19.85
C GLY A 159 13.70 -10.38 -18.48
N PHE A 160 12.61 -10.63 -17.73
CA PHE A 160 12.60 -10.16 -16.32
C PHE A 160 13.66 -10.91 -15.57
N ARG A 161 14.60 -10.22 -14.95
CA ARG A 161 15.70 -10.89 -14.31
C ARG A 161 15.60 -10.76 -12.81
N ASN A 162 15.12 -11.79 -12.15
CA ASN A 162 15.14 -11.78 -10.69
C ASN A 162 16.46 -12.32 -10.13
N ASP A 163 17.34 -12.80 -11.02
CA ASP A 163 18.53 -13.56 -10.58
C ASP A 163 19.52 -12.70 -9.79
N GLY A 164 19.78 -11.48 -10.26
CA GLY A 164 20.62 -10.56 -9.50
C GLY A 164 20.26 -10.39 -8.01
N LEU A 165 18.99 -10.53 -7.66
CA LEU A 165 18.45 -9.97 -6.43
C LEU A 165 18.79 -10.63 -5.08
N PRO A 166 19.02 -9.81 -4.05
CA PRO A 166 19.15 -10.34 -2.68
C PRO A 166 17.90 -11.18 -2.27
N GLN A 167 18.11 -12.08 -1.31
CA GLN A 167 17.16 -13.13 -0.90
C GLN A 167 16.49 -12.68 0.36
N LEU A 168 15.28 -13.12 0.58
CA LEU A 168 14.52 -12.83 1.75
C LEU A 168 14.46 -14.12 2.57
N PRO A 169 14.75 -14.07 3.89
CA PRO A 169 14.56 -15.33 4.61
C PRO A 169 13.09 -15.66 4.77
N ALA A 170 12.79 -16.94 4.94
CA ALA A 170 11.42 -17.47 5.05
C ALA A 170 10.60 -16.73 6.09
N ALA A 171 11.23 -16.23 7.16
CA ALA A 171 10.46 -15.51 8.21
C ALA A 171 9.73 -14.21 7.70
N TYR A 172 10.31 -13.57 6.70
CA TYR A 172 9.84 -12.27 6.27
C TYR A 172 9.06 -12.70 4.99
N SER A 173 7.80 -12.99 5.09
CA SER A 173 7.19 -13.41 3.87
C SER A 173 5.96 -12.60 3.66
N PRO A 174 5.97 -11.76 2.60
CA PRO A 174 4.82 -10.92 2.34
C PRO A 174 3.64 -11.86 2.11
N ARG A 175 3.92 -13.06 1.58
CA ARG A 175 2.86 -13.97 1.17
C ARG A 175 1.98 -14.42 2.35
N ALA A 176 2.64 -14.76 3.46
CA ALA A 176 2.04 -15.21 4.69
C ALA A 176 1.16 -14.11 5.24
N VAL A 177 1.75 -12.90 5.33
CA VAL A 177 1.08 -11.69 5.77
C VAL A 177 -0.20 -11.45 5.00
N TYR A 178 -0.12 -11.48 3.68
CA TYR A 178 -1.35 -11.23 2.96
C TYR A 178 -2.36 -12.36 3.04
N ARG A 179 -1.89 -13.61 3.16
CA ARG A 179 -2.83 -14.77 3.22
C ARG A 179 -3.66 -14.64 4.48
N GLU A 180 -3.02 -14.30 5.59
CA GLU A 180 -3.78 -14.12 6.84
C GLU A 180 -4.77 -12.94 6.80
N ALA A 181 -4.43 -11.80 6.16
CA ALA A 181 -5.39 -10.71 6.04
C ALA A 181 -6.63 -11.00 5.14
N ARG A 182 -6.39 -11.80 4.11
CA ARG A 182 -7.46 -12.20 3.21
C ARG A 182 -8.45 -13.04 4.00
N THR A 183 -7.95 -13.83 4.95
CA THR A 183 -8.81 -14.75 5.71
C THR A 183 -9.53 -13.94 6.81
N ALA A 184 -8.76 -13.16 7.56
CA ALA A 184 -9.27 -12.52 8.76
C ALA A 184 -9.91 -11.15 8.52
N HIS A 185 -9.66 -10.56 7.34
CA HIS A 185 -10.12 -9.18 7.05
C HIS A 185 -9.54 -8.11 7.97
N THR A 186 -8.34 -8.35 8.46
CA THR A 186 -7.55 -7.34 9.13
C THR A 186 -6.15 -7.90 9.08
N PHE A 187 -5.18 -7.03 9.34
CA PHE A 187 -3.81 -7.42 9.41
C PHE A 187 -3.37 -7.43 10.90
N ARG A 188 -4.28 -7.08 11.78
CA ARG A 188 -3.99 -7.16 13.25
C ARG A 188 -5.03 -8.08 13.88
N ALA A 189 -4.57 -9.25 14.33
CA ALA A 189 -5.47 -10.35 14.72
C ALA A 189 -6.53 -9.88 15.76
N LEU A 190 -7.78 -10.27 15.55
CA LEU A 190 -8.91 -9.78 16.32
C LEU A 190 -8.79 -10.00 17.83
N ASP A 191 -7.92 -10.94 18.19
CA ASP A 191 -7.62 -11.23 19.59
C ASP A 191 -6.31 -10.65 20.16
N GLU A 192 -5.68 -9.68 19.48
CA GLU A 192 -4.56 -8.97 20.09
C GLU A 192 -5.03 -8.38 21.41
N PRO A 193 -4.29 -8.62 22.51
CA PRO A 193 -4.81 -8.00 23.73
C PRO A 193 -4.62 -6.50 23.66
N GLY A 194 -5.40 -5.75 24.42
CA GLY A 194 -5.10 -4.34 24.62
C GLY A 194 -5.96 -3.47 23.74
N PHE A 195 -6.95 -4.11 23.12
CA PHE A 195 -7.93 -3.45 22.25
C PHE A 195 -9.29 -3.95 22.55
N ARG A 196 -10.26 -3.06 22.46
CA ARG A 196 -11.63 -3.48 22.47
C ARG A 196 -12.37 -2.91 21.26
N LEU A 197 -13.31 -3.67 20.72
CA LEU A 197 -14.00 -3.28 19.51
C LEU A 197 -15.21 -2.39 19.77
N LEU A 198 -15.30 -1.24 19.11
CA LEU A 198 -16.57 -0.46 19.18
C LEU A 198 -17.72 -1.13 18.37
N PRO A 199 -18.99 -0.90 18.79
CA PRO A 199 -20.13 -1.53 18.07
C PRO A 199 -20.51 -0.79 16.80
N ASP A 200 -20.06 0.47 16.67
CA ASP A 200 -20.33 1.27 15.48
C ASP A 200 -19.40 0.85 14.27
N THR A 201 -20.05 0.68 13.14
CA THR A 201 -19.46 0.27 11.88
C THR A 201 -20.21 1.05 10.79
N VAL A 202 -19.66 1.08 9.58
CA VAL A 202 -20.28 1.73 8.41
C VAL A 202 -20.15 0.79 7.23
N GLU A 203 -21.08 0.94 6.29
CA GLU A 203 -21.02 0.27 5.02
C GLU A 203 -21.39 1.27 3.95
N VAL A 204 -20.42 1.71 3.17
CA VAL A 204 -20.64 2.81 2.23
C VAL A 204 -20.73 2.30 0.80
N GLU A 205 -21.79 2.66 0.09
CA GLU A 205 -21.85 2.29 -1.34
C GLU A 205 -20.97 3.30 -2.12
N HIS A 206 -20.07 2.80 -2.98
CA HIS A 206 -19.12 3.67 -3.71
C HIS A 206 -19.13 3.19 -5.18
N PRO A 207 -19.89 3.86 -6.06
CA PRO A 207 -19.74 3.61 -7.51
C PRO A 207 -18.30 4.03 -7.86
N VAL A 208 -17.68 3.27 -8.77
CA VAL A 208 -16.33 3.62 -9.22
C VAL A 208 -16.37 5.04 -9.76
N ASP A 209 -15.47 5.87 -9.30
CA ASP A 209 -15.47 7.26 -9.74
C ASP A 209 -14.60 7.38 -11.00
N ILE A 210 -15.22 7.45 -12.18
CA ILE A 210 -14.39 7.37 -13.41
C ILE A 210 -13.51 8.58 -13.64
N VAL A 211 -13.77 9.69 -12.99
CA VAL A 211 -12.77 10.80 -13.08
C VAL A 211 -11.58 10.69 -12.13
N ARG A 212 -11.76 10.13 -10.94
CA ARG A 212 -10.68 10.06 -9.97
C ARG A 212 -10.07 8.68 -9.64
N ASP A 213 -10.71 7.59 -10.01
CA ASP A 213 -10.27 6.32 -9.54
C ASP A 213 -9.52 5.54 -10.63
N VAL A 214 -9.55 5.95 -11.89
CA VAL A 214 -9.10 5.07 -13.00
C VAL A 214 -7.70 5.47 -13.47
N ASN A 215 -6.89 4.48 -13.74
CA ASN A 215 -5.49 4.76 -14.17
C ASN A 215 -5.40 4.83 -15.71
N GLY A 216 -4.19 5.12 -16.16
CA GLY A 216 -3.89 5.14 -17.64
C GLY A 216 -4.19 3.95 -18.54
N VAL A 217 -4.47 2.77 -17.97
CA VAL A 217 -4.77 1.57 -18.78
C VAL A 217 -6.20 1.06 -18.47
N GLY A 218 -6.98 1.90 -17.83
CA GLY A 218 -8.41 1.59 -17.61
C GLY A 218 -8.66 0.61 -16.47
N LEU A 219 -7.70 0.44 -15.57
CA LEU A 219 -7.89 -0.37 -14.37
C LEU A 219 -8.12 0.60 -13.20
N LEU A 220 -8.62 0.12 -12.08
CA LEU A 220 -8.69 0.99 -10.91
C LEU A 220 -7.21 1.22 -10.52
N TYR A 221 -6.89 2.46 -10.18
CA TYR A 221 -5.53 2.94 -9.88
C TYR A 221 -5.18 2.51 -8.48
N PHE A 222 -3.94 2.03 -8.25
CA PHE A 222 -3.67 1.34 -6.99
C PHE A 222 -3.81 2.44 -5.90
N ALA A 223 -3.50 3.72 -6.15
CA ALA A 223 -3.47 4.70 -5.03
C ALA A 223 -4.96 5.02 -4.64
N SER A 224 -5.89 4.87 -5.60
CA SER A 224 -7.35 5.08 -5.36
CA SER A 224 -7.30 5.15 -5.29
C SER A 224 -7.93 4.19 -4.27
N TYR A 225 -7.31 3.01 -4.08
CA TYR A 225 -7.70 2.07 -3.02
C TYR A 225 -7.48 2.75 -1.68
N PHE A 226 -6.33 3.42 -1.57
CA PHE A 226 -6.09 4.22 -0.32
C PHE A 226 -7.14 5.31 -0.11
N SER A 227 -7.60 5.95 -1.21
CA SER A 227 -8.60 7.03 -1.14
C SER A 227 -9.89 6.39 -0.68
N MET A 228 -10.21 5.22 -1.24
CA MET A 228 -11.53 4.52 -0.90
C MET A 228 -11.52 4.13 0.56
N VAL A 229 -10.40 3.62 1.02
CA VAL A 229 -10.25 3.28 2.44
C VAL A 229 -10.41 4.51 3.33
N ASP A 230 -9.75 5.60 2.98
CA ASP A 230 -9.88 6.85 3.74
C ASP A 230 -11.32 7.38 3.69
N LYS A 231 -12.02 7.18 2.56
CA LYS A 231 -13.46 7.55 2.52
C LYS A 231 -14.28 6.76 3.54
N ALA A 232 -14.01 5.44 3.67
CA ALA A 232 -14.76 4.54 4.55
C ALA A 232 -14.37 4.96 5.96
N ALA A 233 -13.06 5.21 6.13
CA ALA A 233 -12.58 5.65 7.47
C ALA A 233 -13.24 6.98 7.93
N LEU A 234 -13.33 7.96 7.05
CA LEU A 234 -13.96 9.28 7.34
C LEU A 234 -15.43 9.12 7.73
N ALA A 235 -16.13 8.28 6.94
CA ALA A 235 -17.54 7.95 7.23
C ALA A 235 -17.75 7.42 8.68
N LEU A 236 -16.89 6.52 9.12
CA LEU A 236 -16.86 6.00 10.48
C LEU A 236 -16.49 7.06 11.50
N TRP A 237 -15.50 7.87 11.17
CA TRP A 237 -15.06 8.96 12.00
C TRP A 237 -16.25 9.88 12.23
N ARG A 238 -17.04 10.11 11.18
CA ARG A 238 -18.22 10.97 11.23
C ARG A 238 -19.41 10.35 11.96
N ARG A 239 -19.71 9.09 11.66
CA ARG A 239 -20.79 8.32 12.32
C ARG A 239 -20.60 8.33 13.84
N LEU A 240 -19.36 8.26 14.30
CA LEU A 240 -19.14 8.44 15.72
C LEU A 240 -18.79 9.89 16.21
N GLY A 241 -19.32 10.88 15.50
CA GLY A 241 -19.38 12.28 15.96
C GLY A 241 -18.11 13.12 15.98
N ARG A 242 -16.98 12.60 15.51
CA ARG A 242 -15.74 13.40 15.49
C ARG A 242 -15.68 14.50 14.37
N SER A 243 -14.78 15.48 14.53
CA SER A 243 -14.75 16.65 13.63
C SER A 243 -13.90 16.42 12.36
N ASP A 244 -14.26 17.09 11.26
CA ASP A 244 -13.42 17.02 10.05
C ASP A 244 -12.01 17.51 10.31
N ARG A 245 -11.88 18.49 11.21
CA ARG A 245 -10.58 19.05 11.51
C ARG A 245 -9.71 18.03 12.24
N ALA A 246 -10.33 17.24 13.12
CA ALA A 246 -9.58 16.23 13.88
C ALA A 246 -9.19 15.06 12.97
N PHE A 247 -10.07 14.75 12.02
CA PHE A 247 -9.72 13.77 10.96
C PHE A 247 -8.46 14.17 10.20
N LEU A 248 -8.34 15.46 9.83
CA LEU A 248 -7.14 15.96 9.15
C LEU A 248 -5.95 15.91 10.07
N ARG A 249 -6.19 15.80 11.36
CA ARG A 249 -5.08 15.71 12.31
C ARG A 249 -4.65 14.30 12.70
N ARG A 250 -5.38 13.25 12.24
CA ARG A 250 -4.99 11.88 12.67
C ARG A 250 -3.55 11.55 12.29
N VAL A 251 -2.92 10.79 13.16
CA VAL A 251 -1.60 10.28 12.88
C VAL A 251 -1.71 8.78 12.50
N VAL A 252 -1.42 8.44 11.23
CA VAL A 252 -1.37 7.09 10.77
C VAL A 252 0.06 6.54 10.91
N VAL A 253 0.30 5.73 11.94
CA VAL A 253 1.67 5.21 12.19
C VAL A 253 1.92 3.91 11.47
N ASP A 254 0.86 3.26 10.97
CA ASP A 254 1.09 2.03 10.19
C ASP A 254 -0.11 1.79 9.29
N GLN A 255 0.10 1.37 8.04
CA GLN A 255 -1.11 0.97 7.28
C GLN A 255 -0.73 -0.18 6.32
N GLN A 256 -1.59 -1.19 6.20
CA GLN A 256 -1.30 -2.31 5.27
C GLN A 256 -2.51 -2.40 4.35
N MET A 257 -2.24 -2.75 3.10
CA MET A 257 -3.35 -2.87 2.09
C MET A 257 -3.05 -4.14 1.36
N CYS A 258 -4.06 -5.00 1.25
CA CYS A 258 -3.93 -6.14 0.32
C CYS A 258 -4.91 -5.90 -0.87
N TYR A 259 -4.40 -6.05 -2.11
CA TYR A 259 -5.17 -5.84 -3.35
C TYR A 259 -5.60 -7.24 -3.91
N LEU A 260 -6.77 -7.68 -3.50
CA LEU A 260 -7.25 -9.00 -3.94
C LEU A 260 -7.76 -9.00 -5.37
N GLY A 261 -8.28 -7.88 -5.83
CA GLY A 261 -8.76 -7.79 -7.26
C GLY A 261 -8.92 -6.37 -7.69
N ASN A 262 -9.16 -6.22 -9.00
CA ASN A 262 -9.50 -5.01 -9.61
C ASN A 262 -11.01 -5.06 -9.92
N ALA A 263 -11.52 -4.06 -10.56
CA ALA A 263 -12.98 -4.07 -10.88
C ALA A 263 -13.27 -3.32 -12.13
N ASP A 264 -14.41 -3.67 -12.74
CA ASP A 264 -14.81 -2.99 -13.93
C ASP A 264 -15.30 -1.60 -13.65
N LEU A 265 -15.23 -0.73 -14.64
CA LEU A 265 -15.38 0.71 -14.38
C LEU A 265 -16.82 1.13 -14.08
N ASP A 266 -17.77 0.25 -14.38
CA ASP A 266 -19.18 0.46 -13.93
C ASP A 266 -19.62 -0.21 -12.61
N SER A 267 -18.71 -0.84 -11.89
CA SER A 267 -19.05 -1.52 -10.64
C SER A 267 -19.47 -0.53 -9.58
N VAL A 268 -20.28 -1.01 -8.65
CA VAL A 268 -20.62 -0.33 -7.42
C VAL A 268 -19.94 -1.11 -6.31
N LEU A 269 -19.02 -0.45 -5.62
CA LEU A 269 -18.27 -1.15 -4.58
C LEU A 269 -18.91 -0.88 -3.24
N THR A 270 -18.65 -1.76 -2.29
CA THR A 270 -19.06 -1.52 -0.94
C THR A 270 -17.84 -1.34 -0.01
N LEU A 271 -17.85 -0.30 0.80
CA LEU A 271 -16.68 -0.07 1.68
C LEU A 271 -17.09 -0.31 3.14
N GLY A 272 -16.60 -1.39 3.75
CA GLY A 272 -16.99 -1.73 5.13
C GLY A 272 -15.94 -1.30 6.13
N ALA A 273 -16.34 -0.70 7.26
CA ALA A 273 -15.29 -0.30 8.19
C ALA A 273 -15.61 -0.55 9.68
N ARG A 274 -14.59 -0.91 10.46
CA ARG A 274 -14.75 -1.15 11.88
CA ARG A 274 -14.76 -1.11 11.88
C ARG A 274 -13.54 -0.60 12.62
N VAL A 275 -13.70 -0.38 13.93
CA VAL A 275 -12.61 0.17 14.71
C VAL A 275 -12.50 -0.46 16.10
N ARG A 276 -11.27 -0.64 16.53
CA ARG A 276 -10.97 -1.10 17.86
C ARG A 276 -10.18 0.02 18.54
N VAL A 277 -10.59 0.39 19.78
CA VAL A 277 -9.86 1.41 20.57
C VAL A 277 -8.90 0.80 21.61
N SER A 278 -7.78 1.47 21.89
CA SER A 278 -6.83 0.92 22.84
C SER A 278 -7.40 1.02 24.26
N THR A 279 -7.11 0.01 25.07
CA THR A 279 -7.49 0.02 26.48
C THR A 279 -6.31 0.54 27.33
N GLU A 280 -5.10 0.54 26.77
CA GLU A 280 -3.89 1.15 27.39
C GLU A 280 -3.73 2.64 26.98
N THR A 281 -3.06 2.90 25.84
CA THR A 281 -2.90 4.26 25.27
C THR A 281 -4.25 4.92 24.86
N PRO A 282 -4.59 6.10 25.42
CA PRO A 282 -5.78 6.80 24.90
C PRO A 282 -5.58 7.27 23.45
N GLY A 283 -6.66 7.25 22.66
CA GLY A 283 -6.61 7.78 21.28
C GLY A 283 -5.84 6.95 20.24
N GLU A 284 -5.32 5.79 20.63
CA GLU A 284 -4.75 4.81 19.68
C GLU A 284 -5.84 3.84 19.25
N GLU A 285 -5.97 3.63 17.94
CA GLU A 285 -7.03 2.76 17.39
C GLU A 285 -6.55 1.93 16.20
N LEU A 286 -7.30 0.87 15.90
CA LEU A 286 -7.12 0.09 14.68
C LEU A 286 -8.38 0.17 13.87
N VAL A 287 -8.25 0.56 12.61
CA VAL A 287 -9.45 0.66 11.78
C VAL A 287 -9.22 -0.31 10.66
N ASP A 288 -10.22 -1.15 10.43
CA ASP A 288 -10.16 -2.18 9.39
C ASP A 288 -11.17 -1.83 8.37
N VAL A 289 -10.76 -1.92 7.08
CA VAL A 289 -11.69 -1.59 6.00
C VAL A 289 -11.62 -2.75 4.96
N VAL A 290 -12.78 -3.13 4.44
CA VAL A 290 -12.88 -4.21 3.46
C VAL A 290 -13.62 -3.61 2.30
N ILE A 291 -13.13 -3.81 1.05
CA ILE A 291 -13.76 -3.27 -0.06
C ILE A 291 -14.28 -4.47 -0.88
N SER A 292 -15.59 -4.48 -1.12
CA SER A 292 -16.29 -5.56 -1.81
C SER A 292 -16.90 -5.12 -3.10
N ASP A 293 -16.97 -6.06 -4.04
CA ASP A 293 -17.70 -5.96 -5.29
C ASP A 293 -18.82 -6.97 -5.18
N ARG A 294 -19.86 -6.56 -4.47
CA ARG A 294 -21.01 -7.42 -4.15
C ARG A 294 -21.44 -8.24 -5.37
N ASP A 295 -21.55 -7.59 -6.51
CA ASP A 295 -22.10 -8.20 -7.73
C ASP A 295 -21.30 -9.33 -8.33
N SER A 296 -19.97 -9.30 -8.20
CA SER A 296 -19.19 -10.45 -8.64
C SER A 296 -18.90 -11.41 -7.46
N GLY A 297 -19.34 -11.08 -6.25
CA GLY A 297 -19.12 -11.96 -5.11
C GLY A 297 -17.67 -11.91 -4.58
N ARG A 298 -16.93 -10.86 -4.93
CA ARG A 298 -15.49 -10.78 -4.51
C ARG A 298 -15.16 -9.73 -3.45
N VAL A 299 -14.25 -10.04 -2.52
CA VAL A 299 -13.56 -9.01 -1.74
C VAL A 299 -12.40 -8.55 -2.62
N ILE A 300 -12.30 -7.27 -2.89
CA ILE A 300 -11.22 -6.79 -3.81
C ILE A 300 -10.09 -6.11 -3.00
N ALA A 301 -10.32 -5.78 -1.74
CA ALA A 301 -9.23 -5.23 -0.95
C ALA A 301 -9.47 -5.32 0.55
N VAL A 302 -8.37 -5.37 1.32
CA VAL A 302 -8.46 -5.29 2.77
C VAL A 302 -7.38 -4.36 3.29
N SER A 303 -7.71 -3.48 4.26
CA SER A 303 -6.73 -2.54 4.78
C SER A 303 -6.94 -2.43 6.27
N THR A 304 -5.84 -2.39 7.01
CA THR A 304 -5.87 -1.99 8.44
C THR A 304 -5.01 -0.77 8.66
N LEU A 305 -5.53 0.21 9.39
CA LEU A 305 -4.75 1.38 9.74
C LEU A 305 -4.56 1.42 11.27
N HIS A 306 -3.33 1.69 11.71
CA HIS A 306 -3.01 1.92 13.13
C HIS A 306 -2.83 3.44 13.27
N THR A 307 -3.71 4.06 14.04
CA THR A 307 -3.77 5.51 14.22
C THR A 307 -3.59 5.98 15.68
N GLN A 308 -3.07 7.20 15.83
CA GLN A 308 -3.03 7.99 17.11
C GLN A 308 -3.89 9.27 16.92
N HIS A 309 -4.89 9.43 17.78
CA HIS A 309 -6.24 10.00 17.44
C HIS A 309 -6.39 10.73 16.10
CL CL B . -2.33 1.47 -11.00
O5B COA C . -2.55 -16.19 -8.77
P1A COA C . -3.81 -17.03 -8.62
O1A COA C . -3.69 -18.17 -7.59
O2A COA C . -4.24 -17.58 -10.07
O3A COA C . -5.17 -16.15 -8.42
P2A COA C . -5.13 -14.98 -7.38
O4A COA C . -3.87 -15.14 -6.51
O5A COA C . -6.33 -14.83 -6.46
O6A COA C . -4.92 -13.78 -8.43
CBP COA C . -4.00 -11.67 -8.91
CCP COA C . -3.70 -13.07 -8.41
CDP COA C . -4.42 -11.80 -10.40
CEP COA C . -2.69 -10.87 -8.79
CAP COA C . -5.15 -11.03 -8.08
OAP COA C . -5.02 -11.01 -6.67
C9P COA C . -5.34 -9.59 -8.47
O9P COA C . -5.90 -9.30 -9.70
N8P COA C . -5.01 -8.59 -7.63
C7P COA C . -5.31 -7.22 -7.99
C6P COA C . -4.12 -6.30 -8.12
C5P COA C . -4.59 -4.90 -8.43
O5P COA C . -5.57 -4.72 -9.20
N4P COA C . -3.88 -3.87 -7.97
C3P COA C . -4.24 -2.45 -8.24
C2P COA C . -3.92 -2.03 -9.72
S1P COA C . -2.11 -2.00 -9.85
#